data_5ZQO
#
_entry.id   5ZQO
#
_cell.length_a   66.897
_cell.length_b   66.897
_cell.length_c   117.080
_cell.angle_alpha   90.00
_cell.angle_beta   90.00
_cell.angle_gamma   90.00
#
_symmetry.space_group_name_H-M   'P 41 21 2'
#
loop_
_entity.id
_entity.type
_entity.pdbx_description
1 polymer Tankyrase-2
2 polymer Tankyrase-2
3 non-polymer 'ZINC ION'
4 non-polymer 2-[4-(2-methoxyphenyl)piperazin-1-yl]-5,6,7,8-tetrahydroquinazolin-4(3H)-one
5 non-polymer 'SULFATE ION'
6 non-polymer GLYCEROL
7 water water
#
loop_
_entity_poly.entity_id
_entity_poly.type
_entity_poly.pdbx_seq_one_letter_code
_entity_poly.pdbx_strand_id
1 'polypeptide(L)'
;NTSGSGTILIDLSPDDKEFQSVEEEMQSTVREHRDGGHAGGIFNRYNILKIQKVCNKKLWERYTHRRKEVSEENHNHANE
RMLFHGSPFVNAIIHKGFDERHAYIGGMFGAGIYFAENSSKSNQYVYGIGGGTGCPVHKDRSCYICHRQLLFCRVTLGKS
FLQFSAMK
;
A
2 'polypeptide(L)' MAHSPPGHHSVTGRPSVNGLALAEYVIYRGEQAYPEYLITYQIMRPEG B
#
loop_
_chem_comp.id
_chem_comp.type
_chem_comp.name
_chem_comp.formula
9GX non-polymer 2-[4-(2-methoxyphenyl)piperazin-1-yl]-5,6,7,8-tetrahydroquinazolin-4(3H)-one 'C19 H24 N4 O2'
GOL non-polymer GLYCEROL 'C3 H8 O3'
SO4 non-polymer 'SULFATE ION' 'O4 S -2'
ZN non-polymer 'ZINC ION' 'Zn 2'
#
# COMPACT_ATOMS: atom_id res chain seq x y z
N GLY A 6 -3.57 -20.01 9.42
CA GLY A 6 -4.23 -19.68 8.17
C GLY A 6 -3.30 -19.21 7.06
N THR A 7 -2.38 -18.31 7.39
CA THR A 7 -1.58 -17.66 6.36
C THR A 7 -0.26 -18.38 6.14
N ILE A 8 0.07 -18.61 4.87
CA ILE A 8 1.32 -19.20 4.43
C ILE A 8 2.04 -18.17 3.58
N LEU A 9 3.36 -18.09 3.72
CA LEU A 9 4.20 -17.15 2.96
C LEU A 9 5.14 -17.95 2.08
N ILE A 10 5.05 -17.75 0.77
CA ILE A 10 5.88 -18.48 -0.19
C ILE A 10 6.97 -17.53 -0.69
N ASP A 11 8.22 -17.86 -0.36
CA ASP A 11 9.36 -17.10 -0.83
C ASP A 11 9.48 -17.21 -2.35
N LEU A 12 9.58 -16.07 -3.03
CA LEU A 12 9.80 -16.09 -4.48
C LEU A 12 11.29 -15.98 -4.79
N SER A 13 11.72 -16.74 -5.80
CA SER A 13 13.11 -16.72 -6.25
C SER A 13 13.40 -15.43 -7.04
N PRO A 14 14.54 -14.78 -6.82
CA PRO A 14 14.90 -13.63 -7.66
C PRO A 14 15.05 -13.98 -9.14
N ASP A 15 15.21 -15.25 -9.49
CA ASP A 15 15.23 -15.67 -10.89
C ASP A 15 13.84 -15.82 -11.49
N ASP A 16 12.79 -15.78 -10.65
CA ASP A 16 11.41 -15.90 -11.11
C ASP A 16 10.95 -14.59 -11.75
N LYS A 17 10.21 -14.68 -12.86
CA LYS A 17 9.67 -13.47 -13.47
C LYS A 17 8.75 -12.73 -12.51
N GLU A 18 8.06 -13.45 -11.63
CA GLU A 18 7.11 -12.82 -10.73
C GLU A 18 7.83 -11.94 -9.72
N PHE A 19 8.97 -12.40 -9.20
CA PHE A 19 9.80 -11.57 -8.33
C PHE A 19 10.29 -10.32 -9.06
N GLN A 20 10.83 -10.50 -10.27
CA GLN A 20 11.39 -9.36 -10.99
C GLN A 20 10.32 -8.33 -11.32
N SER A 21 9.09 -8.80 -11.59
CA SER A 21 7.99 -7.90 -11.91
C SER A 21 7.59 -7.08 -10.70
N VAL A 22 7.50 -7.72 -9.53
CA VAL A 22 7.14 -7.00 -8.32
C VAL A 22 8.24 -6.01 -7.95
N GLU A 23 9.51 -6.44 -8.02
CA GLU A 23 10.60 -5.49 -7.76
C GLU A 23 10.51 -4.28 -8.68
N GLU A 24 10.31 -4.52 -9.98
CA GLU A 24 10.27 -3.40 -10.92
C GLU A 24 9.16 -2.41 -10.54
N GLU A 25 8.02 -2.91 -10.05
CA GLU A 25 6.96 -1.99 -9.63
C GLU A 25 7.38 -1.17 -8.42
N MET A 26 8.10 -1.78 -7.47
CA MET A 26 8.66 -1.04 -6.33
C MET A 26 9.63 0.04 -6.80
N GLN A 27 10.63 -0.34 -7.58
CA GLN A 27 11.71 0.57 -7.96
C GLN A 27 11.21 1.68 -8.87
N SER A 28 10.35 1.35 -9.83
CA SER A 28 10.00 2.33 -10.85
C SER A 28 9.00 3.38 -10.34
N THR A 29 8.44 3.21 -9.14
CA THR A 29 7.48 4.15 -8.60
C THR A 29 8.03 4.92 -7.42
N VAL A 30 9.36 4.95 -7.28
CA VAL A 30 9.99 5.89 -6.37
C VAL A 30 9.90 7.29 -6.94
N ARG A 31 9.58 8.26 -6.10
CA ARG A 31 9.61 9.66 -6.47
C ARG A 31 10.20 10.45 -5.32
N GLU A 32 10.55 11.70 -5.60
CA GLU A 32 10.91 12.63 -4.53
C GLU A 32 9.67 13.07 -3.78
N HIS A 33 9.84 13.39 -2.51
CA HIS A 33 8.73 13.83 -1.68
C HIS A 33 8.95 15.24 -1.17
N ARG A 34 7.85 15.99 -1.06
CA ARG A 34 7.95 17.40 -0.71
C ARG A 34 8.53 17.63 0.69
N ASP A 35 8.66 16.60 1.51
CA ASP A 35 9.31 16.76 2.80
C ASP A 35 10.81 16.52 2.74
N GLY A 36 11.38 16.38 1.54
CA GLY A 36 12.81 16.17 1.39
C GLY A 36 13.34 14.88 1.97
N GLY A 37 12.45 13.95 2.34
CA GLY A 37 12.85 12.71 2.96
C GLY A 37 12.56 12.64 4.46
N HIS A 38 11.92 13.66 5.04
CA HIS A 38 11.75 13.69 6.49
C HIS A 38 11.07 12.42 7.00
N ALA A 39 9.94 12.03 6.39
CA ALA A 39 9.14 10.93 6.93
C ALA A 39 9.72 9.57 6.56
N GLY A 40 10.12 9.39 5.31
CA GLY A 40 10.50 8.09 4.79
C GLY A 40 11.98 7.87 4.53
N GLY A 41 12.79 8.93 4.58
CA GLY A 41 14.22 8.80 4.34
C GLY A 41 14.63 9.32 2.97
N ILE A 42 15.94 9.39 2.75
CA ILE A 42 16.50 9.91 1.51
C ILE A 42 17.06 8.75 0.71
N PHE A 43 16.48 8.50 -0.47
CA PHE A 43 16.87 7.39 -1.32
C PHE A 43 16.28 7.62 -2.71
N ASN A 44 16.88 6.96 -3.70
CA ASN A 44 16.31 6.89 -5.03
C ASN A 44 15.90 5.49 -5.43
N ARG A 45 16.34 4.47 -4.67
CA ARG A 45 16.04 3.09 -4.99
C ARG A 45 16.17 2.26 -3.73
N TYR A 46 15.69 1.02 -3.81
CA TYR A 46 15.68 0.08 -2.71
C TYR A 46 16.68 -1.05 -2.96
N ASN A 47 17.11 -1.68 -1.87
CA ASN A 47 17.71 -3.01 -1.92
C ASN A 47 16.62 -4.02 -1.55
N ILE A 48 16.07 -4.70 -2.55
CA ILE A 48 15.04 -5.70 -2.29
C ILE A 48 15.69 -6.94 -1.69
N LEU A 49 15.27 -7.30 -0.48
CA LEU A 49 15.84 -8.44 0.20
C LEU A 49 15.03 -9.72 0.06
N LYS A 50 13.71 -9.61 -0.04
CA LYS A 50 12.87 -10.80 -0.11
C LYS A 50 11.50 -10.38 -0.60
N ILE A 51 10.86 -11.25 -1.37
CA ILE A 51 9.47 -11.05 -1.79
C ILE A 51 8.73 -12.36 -1.58
N GLN A 52 7.69 -12.33 -0.75
CA GLN A 52 6.91 -13.51 -0.39
C GLN A 52 5.47 -13.34 -0.88
N LYS A 53 4.92 -14.39 -1.48
CA LYS A 53 3.51 -14.43 -1.83
C LYS A 53 2.69 -14.78 -0.58
N VAL A 54 1.63 -14.04 -0.32
CA VAL A 54 0.81 -14.23 0.88
C VAL A 54 -0.39 -15.10 0.50
N CYS A 55 -0.53 -16.24 1.17
CA CYS A 55 -1.56 -17.23 0.80
C CYS A 55 -2.46 -17.48 2.00
N ASN A 56 -3.74 -17.18 1.84
CA ASN A 56 -4.73 -17.38 2.90
C ASN A 56 -6.08 -17.57 2.24
N LYS A 57 -6.61 -18.80 2.33
CA LYS A 57 -7.85 -19.14 1.63
C LYS A 57 -9.01 -18.29 2.14
N LYS A 58 -9.16 -18.18 3.46
CA LYS A 58 -10.27 -17.44 4.03
C LYS A 58 -10.23 -15.97 3.59
N LEU A 59 -9.08 -15.32 3.73
CA LEU A 59 -8.99 -13.92 3.31
C LEU A 59 -9.23 -13.76 1.81
N TRP A 60 -8.73 -14.69 0.99
CA TRP A 60 -8.88 -14.54 -0.45
C TRP A 60 -10.35 -14.67 -0.86
N GLU A 61 -11.04 -15.67 -0.31
CA GLU A 61 -12.45 -15.85 -0.61
C GLU A 61 -13.29 -14.69 -0.09
N ARG A 62 -12.91 -14.12 1.05
CA ARG A 62 -13.52 -12.88 1.51
C ARG A 62 -13.31 -11.78 0.48
N TYR A 63 -12.12 -11.69 -0.10
CA TYR A 63 -11.85 -10.63 -1.07
C TYR A 63 -12.62 -10.84 -2.35
N THR A 64 -12.56 -12.06 -2.91
CA THR A 64 -13.25 -12.30 -4.18
C THR A 64 -14.76 -12.24 -4.03
N HIS A 65 -15.29 -12.58 -2.86
CA HIS A 65 -16.73 -12.44 -2.64
C HIS A 65 -17.16 -10.98 -2.70
N ARG A 66 -16.39 -10.08 -2.08
CA ARG A 66 -16.74 -8.67 -2.15
C ARG A 66 -16.46 -8.12 -3.55
N ARG A 67 -15.40 -8.59 -4.21
CA ARG A 67 -15.08 -8.13 -5.57
C ARG A 67 -16.25 -8.33 -6.52
N LYS A 68 -16.93 -9.48 -6.41
CA LYS A 68 -18.03 -9.79 -7.31
C LYS A 68 -19.24 -8.90 -7.02
N GLU A 69 -19.48 -8.60 -5.74
CA GLU A 69 -20.56 -7.68 -5.41
C GLU A 69 -20.29 -6.31 -6.01
N VAL A 70 -19.06 -5.80 -5.83
CA VAL A 70 -18.71 -4.48 -6.36
C VAL A 70 -18.83 -4.47 -7.88
N SER A 71 -18.26 -5.49 -8.54
CA SER A 71 -18.32 -5.58 -9.99
C SER A 71 -19.77 -5.43 -10.50
N GLU A 72 -20.70 -6.11 -9.85
CA GLU A 72 -22.08 -6.06 -10.33
C GLU A 72 -22.75 -4.71 -10.09
N GLU A 73 -22.26 -3.92 -9.15
CA GLU A 73 -22.78 -2.56 -8.95
C GLU A 73 -22.07 -1.51 -9.80
N ASN A 74 -21.13 -1.91 -10.65
CA ASN A 74 -20.34 -0.94 -11.41
C ASN A 74 -20.12 -1.45 -12.83
N HIS A 75 -21.23 -1.62 -13.56
CA HIS A 75 -21.25 -2.10 -14.94
C HIS A 75 -20.23 -3.22 -15.16
N ASN A 76 -20.25 -4.21 -14.26
CA ASN A 76 -19.49 -5.45 -14.39
C ASN A 76 -17.98 -5.20 -14.44
N HIS A 77 -17.54 -4.21 -13.67
CA HIS A 77 -16.15 -3.78 -13.67
C HIS A 77 -15.71 -3.63 -12.21
N ALA A 78 -14.85 -4.55 -11.75
CA ALA A 78 -14.35 -4.46 -10.39
C ALA A 78 -13.40 -3.28 -10.19
N ASN A 79 -12.74 -2.82 -11.26
CA ASN A 79 -11.75 -1.76 -11.17
C ASN A 79 -10.65 -2.16 -10.19
N GLU A 80 -10.07 -3.33 -10.43
CA GLU A 80 -9.09 -3.92 -9.53
C GLU A 80 -7.69 -3.41 -9.83
N ARG A 81 -6.98 -2.95 -8.80
CA ARG A 81 -5.62 -2.44 -8.93
C ARG A 81 -4.66 -3.21 -8.04
N MET A 82 -3.36 -3.08 -8.35
CA MET A 82 -2.28 -3.53 -7.48
C MET A 82 -1.61 -2.28 -6.91
N LEU A 83 -1.61 -2.15 -5.58
CA LEU A 83 -1.23 -0.89 -4.94
C LEU A 83 -0.44 -1.18 -3.67
N PHE A 84 0.40 -0.24 -3.30
CA PHE A 84 1.25 -0.39 -2.13
C PHE A 84 0.55 0.05 -0.85
N HIS A 85 0.92 -0.60 0.25
CA HIS A 85 0.49 -0.23 1.58
C HIS A 85 1.65 -0.44 2.54
N GLY A 86 2.08 0.63 3.20
CA GLY A 86 3.09 0.56 4.24
C GLY A 86 2.45 0.83 5.59
N SER A 87 2.82 0.02 6.58
CA SER A 87 2.16 0.12 7.88
C SER A 87 2.98 -0.58 8.94
N PRO A 88 2.97 -0.11 10.19
CA PRO A 88 3.52 -0.90 11.28
C PRO A 88 2.77 -2.21 11.51
N PHE A 89 1.55 -2.34 11.02
CA PHE A 89 0.69 -3.47 11.35
C PHE A 89 0.72 -4.55 10.27
N VAL A 90 1.80 -4.60 9.49
CA VAL A 90 1.91 -5.55 8.40
C VAL A 90 1.71 -6.99 8.89
N ASN A 91 2.30 -7.35 10.03
CA ASN A 91 2.17 -8.75 10.46
C ASN A 91 0.73 -9.10 10.80
N ALA A 92 0.00 -8.18 11.43
CA ALA A 92 -1.42 -8.45 11.66
C ALA A 92 -2.20 -8.53 10.34
N ILE A 93 -1.86 -7.69 9.36
CA ILE A 93 -2.64 -7.62 8.13
C ILE A 93 -2.56 -8.94 7.36
N ILE A 94 -1.35 -9.50 7.23
CA ILE A 94 -1.23 -10.72 6.43
C ILE A 94 -1.88 -11.91 7.11
N HIS A 95 -2.07 -11.87 8.43
CA HIS A 95 -2.72 -13.01 9.09
C HIS A 95 -4.21 -12.84 9.24
N LYS A 96 -4.70 -11.63 9.47
CA LYS A 96 -6.09 -11.39 9.78
C LYS A 96 -6.79 -10.48 8.79
N GLY A 97 -6.07 -9.92 7.82
CA GLY A 97 -6.66 -9.02 6.84
C GLY A 97 -6.75 -7.59 7.37
N PHE A 98 -7.14 -6.70 6.47
CA PHE A 98 -7.47 -5.33 6.85
C PHE A 98 -8.81 -5.31 7.57
N ASP A 99 -8.96 -4.40 8.54
CA ASP A 99 -10.23 -4.17 9.21
C ASP A 99 -10.28 -2.74 9.73
N GLU A 100 -11.35 -2.42 10.46
CA GLU A 100 -11.61 -1.03 10.85
C GLU A 100 -10.56 -0.46 11.79
N ARG A 101 -9.83 -1.30 12.52
CA ARG A 101 -8.74 -0.78 13.35
C ARG A 101 -7.66 -0.11 12.50
N HIS A 102 -7.54 -0.51 11.23
CA HIS A 102 -6.55 0.08 10.34
C HIS A 102 -7.05 1.36 9.67
N ALA A 103 -8.23 1.84 10.05
CA ALA A 103 -8.74 3.06 9.41
C ALA A 103 -7.92 4.26 9.86
N TYR A 104 -7.43 5.02 8.89
CA TYR A 104 -6.57 6.18 9.14
C TYR A 104 -7.48 7.39 9.36
N ILE A 105 -7.84 7.62 10.62
CA ILE A 105 -8.78 8.69 10.96
C ILE A 105 -8.25 10.03 10.45
N GLY A 106 -6.95 10.23 10.51
CA GLY A 106 -6.41 11.50 10.08
C GLY A 106 -6.18 11.65 8.59
N GLY A 107 -6.53 10.66 7.78
CA GLY A 107 -6.30 10.76 6.35
C GLY A 107 -7.11 11.88 5.71
N MET A 108 -6.61 12.36 4.57
CA MET A 108 -7.25 13.49 3.90
C MET A 108 -8.59 13.13 3.27
N PHE A 109 -8.93 11.85 3.14
CA PHE A 109 -10.19 11.47 2.51
C PHE A 109 -11.07 10.68 3.46
N GLY A 110 -10.89 10.88 4.77
CA GLY A 110 -11.71 10.21 5.75
C GLY A 110 -11.13 8.90 6.26
N ALA A 111 -11.78 8.37 7.29
CA ALA A 111 -11.29 7.22 8.04
C ALA A 111 -11.43 5.94 7.22
N GLY A 112 -10.43 5.62 6.41
CA GLY A 112 -10.42 4.37 5.68
C GLY A 112 -9.03 3.75 5.56
N ILE A 113 -8.88 2.81 4.64
CA ILE A 113 -7.60 2.13 4.42
C ILE A 113 -6.97 2.71 3.16
N TYR A 114 -5.75 3.22 3.28
CA TYR A 114 -5.10 3.99 2.22
C TYR A 114 -4.06 3.16 1.47
N PHE A 115 -3.99 3.36 0.16
CA PHE A 115 -3.03 2.70 -0.71
C PHE A 115 -2.39 3.74 -1.63
N ALA A 116 -1.19 3.42 -2.15
CA ALA A 116 -0.44 4.35 -3.00
C ALA A 116 0.03 3.68 -4.28
N GLU A 117 0.00 4.44 -5.39
CA GLU A 117 0.71 4.00 -6.59
C GLU A 117 2.23 4.20 -6.45
N ASN A 118 2.68 5.26 -5.76
CA ASN A 118 4.11 5.44 -5.49
C ASN A 118 4.52 4.56 -4.32
N SER A 119 5.41 3.60 -4.56
CA SER A 119 5.96 2.83 -3.44
C SER A 119 6.58 3.73 -2.39
N SER A 120 7.22 4.83 -2.80
CA SER A 120 7.90 5.68 -1.82
C SER A 120 6.93 6.45 -0.93
N LYS A 121 5.70 6.67 -1.41
CA LYS A 121 4.65 7.22 -0.55
C LYS A 121 4.30 6.23 0.56
N SER A 122 4.10 4.95 0.22
CA SER A 122 3.82 3.97 1.26
C SER A 122 4.98 3.81 2.21
N ASN A 123 6.23 3.96 1.71
CA ASN A 123 7.40 3.83 2.57
C ASN A 123 7.40 4.86 3.69
N GLN A 124 6.71 5.99 3.51
CA GLN A 124 6.61 6.99 4.58
C GLN A 124 5.84 6.51 5.79
N TYR A 125 5.09 5.41 5.69
CA TYR A 125 4.23 4.95 6.78
C TYR A 125 4.69 3.64 7.39
N VAL A 126 5.83 3.08 6.96
CA VAL A 126 6.19 1.78 7.49
C VAL A 126 6.49 1.90 8.98
N TYR A 127 7.07 3.01 9.42
CA TYR A 127 7.38 3.21 10.82
C TYR A 127 6.31 4.04 11.55
N GLY A 128 5.19 4.32 10.89
CA GLY A 128 4.08 5.01 11.51
C GLY A 128 3.70 6.26 10.74
N ILE A 129 2.70 6.97 11.26
CA ILE A 129 2.29 8.24 10.67
C ILE A 129 3.47 9.20 10.61
N GLY A 130 3.72 9.76 9.43
CA GLY A 130 4.85 10.64 9.24
C GLY A 130 6.19 9.99 9.48
N GLY A 131 6.27 8.66 9.36
CA GLY A 131 7.49 7.95 9.70
C GLY A 131 7.67 7.68 11.17
N GLY A 132 6.70 8.07 12.01
CA GLY A 132 6.82 7.91 13.45
C GLY A 132 8.13 8.45 13.96
N THR A 133 8.83 7.66 14.75
CA THR A 133 10.19 7.98 15.18
C THR A 133 11.24 7.16 14.44
N GLY A 134 10.89 6.63 13.26
CA GLY A 134 11.84 5.86 12.48
C GLY A 134 12.02 4.45 13.02
N CYS A 135 13.13 3.82 12.62
CA CYS A 135 13.34 2.42 12.93
C CYS A 135 13.42 2.23 14.45
N PRO A 136 12.99 1.08 14.97
CA PRO A 136 13.05 0.88 16.41
C PRO A 136 14.47 0.81 16.97
N VAL A 137 15.47 0.41 16.18
CA VAL A 137 16.81 0.22 16.74
C VAL A 137 17.55 1.54 16.83
N HIS A 138 17.48 2.37 15.79
CA HIS A 138 18.25 3.60 15.74
C HIS A 138 17.40 4.86 15.83
N LYS A 139 16.07 4.74 15.83
CA LYS A 139 15.17 5.90 15.81
C LYS A 139 15.50 6.80 14.63
N ASP A 140 15.72 6.20 13.47
CA ASP A 140 16.19 6.91 12.30
C ASP A 140 15.18 6.68 11.19
N ARG A 141 14.46 7.74 10.81
CA ARG A 141 13.50 7.62 9.73
C ARG A 141 14.18 7.41 8.39
N SER A 142 15.47 7.71 8.28
CA SER A 142 16.23 7.46 7.07
C SER A 142 17.22 6.31 7.25
N CYS A 143 16.91 5.35 8.13
CA CYS A 143 17.86 4.28 8.39
C CYS A 143 18.11 3.49 7.13
N TYR A 144 19.39 3.28 6.82
CA TYR A 144 19.82 2.45 5.70
C TYR A 144 20.12 1.01 6.11
N ILE A 145 20.03 0.70 7.40
CA ILE A 145 20.46 -0.57 7.95
C ILE A 145 19.29 -1.52 8.20
N CYS A 146 18.27 -1.05 8.91
CA CYS A 146 17.17 -1.91 9.33
C CYS A 146 16.29 -2.29 8.14
N HIS A 147 15.82 -3.53 8.17
CA HIS A 147 14.93 -4.04 7.14
C HIS A 147 13.54 -3.45 7.31
N ARG A 148 12.94 -3.06 6.19
CA ARG A 148 11.56 -2.59 6.14
C ARG A 148 10.69 -3.58 5.39
N GLN A 149 9.37 -3.45 5.58
CA GLN A 149 8.41 -4.27 4.86
C GLN A 149 7.26 -3.42 4.36
N LEU A 150 6.90 -3.61 3.09
CA LEU A 150 5.70 -3.05 2.46
C LEU A 150 4.82 -4.20 1.98
N LEU A 151 3.53 -3.91 1.79
CA LEU A 151 2.62 -4.81 1.14
C LEU A 151 2.32 -4.30 -0.27
N PHE A 152 2.27 -5.22 -1.22
CA PHE A 152 1.77 -4.95 -2.58
C PHE A 152 0.43 -5.68 -2.68
N CYS A 153 -0.66 -4.91 -2.73
CA CYS A 153 -2.00 -5.45 -2.48
C CYS A 153 -2.89 -5.41 -3.72
N ARG A 154 -3.81 -6.35 -3.79
CA ARG A 154 -4.86 -6.38 -4.78
C ARG A 154 -6.07 -5.63 -4.20
N VAL A 155 -6.52 -4.58 -4.88
CA VAL A 155 -7.49 -3.64 -4.31
C VAL A 155 -8.64 -3.41 -5.28
N THR A 156 -9.87 -3.67 -4.83
CA THR A 156 -11.06 -3.42 -5.61
C THR A 156 -11.55 -1.98 -5.40
N LEU A 157 -11.53 -1.16 -6.46
CA LEU A 157 -11.96 0.22 -6.35
C LEU A 157 -13.43 0.44 -6.75
N GLY A 158 -13.98 -0.42 -7.59
CA GLY A 158 -15.33 -0.20 -8.07
C GLY A 158 -15.46 1.18 -8.70
N LYS A 159 -16.64 1.78 -8.51
CA LYS A 159 -16.85 3.17 -8.89
C LYS A 159 -16.09 4.05 -7.90
N SER A 160 -15.01 4.68 -8.34
CA SER A 160 -14.16 5.45 -7.44
C SER A 160 -14.52 6.93 -7.56
N PHE A 161 -14.68 7.57 -6.40
CA PHE A 161 -14.98 9.00 -6.38
C PHE A 161 -13.70 9.78 -6.58
N LEU A 162 -13.69 10.65 -7.58
CA LEU A 162 -12.49 11.38 -7.93
C LEU A 162 -12.41 12.65 -7.09
N GLN A 163 -11.40 12.72 -6.24
CA GLN A 163 -11.16 13.85 -5.37
C GLN A 163 -9.80 14.41 -5.75
N PHE A 164 -9.78 15.56 -6.40
CA PHE A 164 -8.51 16.20 -6.64
C PHE A 164 -7.97 16.69 -5.30
N SER A 165 -6.69 16.44 -5.04
CA SER A 165 -6.06 16.93 -3.83
C SER A 165 -5.07 18.03 -4.16
N ALA A 166 -4.76 18.83 -3.16
CA ALA A 166 -3.85 19.96 -3.34
C ALA A 166 -2.37 19.56 -3.27
N MET A 167 -2.06 18.26 -3.33
CA MET A 167 -0.67 17.79 -3.14
C MET A 167 0.13 17.74 -4.46
N MET B 1 -14.59 3.52 11.11
CA MET B 1 -14.38 3.57 9.66
C MET B 1 -15.52 4.34 8.97
N ALA B 2 -15.17 5.21 8.03
CA ALA B 2 -16.15 6.07 7.38
C ALA B 2 -16.80 5.35 6.19
N HIS B 3 -17.54 6.08 5.36
CA HIS B 3 -18.15 5.53 4.17
C HIS B 3 -17.66 6.26 2.93
N SER B 4 -17.62 5.56 1.80
CA SER B 4 -17.38 6.25 0.55
C SER B 4 -18.64 7.02 0.17
N PRO B 5 -18.52 7.98 -0.76
CA PRO B 5 -19.71 8.72 -1.17
C PRO B 5 -20.78 7.79 -1.70
N PRO B 6 -22.05 8.18 -1.56
CA PRO B 6 -23.14 7.33 -2.08
C PRO B 6 -22.91 6.97 -3.54
N GLY B 7 -23.26 5.73 -3.89
CA GLY B 7 -23.05 5.25 -5.23
C GLY B 7 -21.62 4.87 -5.57
N HIS B 8 -20.69 4.95 -4.63
CA HIS B 8 -19.27 4.70 -4.87
C HIS B 8 -18.75 3.58 -3.98
N HIS B 9 -17.57 3.09 -4.35
CA HIS B 9 -16.94 1.98 -3.67
C HIS B 9 -15.56 2.32 -3.14
N SER B 10 -15.05 3.51 -3.42
CA SER B 10 -13.73 3.94 -2.99
C SER B 10 -13.56 5.40 -3.35
N VAL B 11 -12.44 5.97 -2.93
CA VAL B 11 -12.10 7.35 -3.29
C VAL B 11 -10.73 7.34 -3.94
N THR B 12 -10.59 8.06 -5.05
CA THR B 12 -9.30 8.28 -5.70
C THR B 12 -8.84 9.68 -5.35
N GLY B 13 -7.79 9.77 -4.56
CA GLY B 13 -7.17 11.04 -4.25
C GLY B 13 -6.06 11.34 -5.24
N ARG B 14 -6.27 12.33 -6.09
CA ARG B 14 -5.38 12.56 -7.21
C ARG B 14 -4.68 13.90 -7.05
N PRO B 15 -3.39 13.92 -6.72
CA PRO B 15 -2.70 15.20 -6.54
C PRO B 15 -2.77 16.03 -7.81
N SER B 16 -3.14 17.30 -7.64
CA SER B 16 -3.32 18.21 -8.77
C SER B 16 -2.25 19.30 -8.84
N VAL B 17 -1.31 19.34 -7.89
CA VAL B 17 -0.23 20.33 -7.88
C VAL B 17 1.10 19.70 -8.33
N ASN B 18 1.56 18.69 -7.61
CA ASN B 18 2.78 17.99 -8.02
C ASN B 18 2.44 17.05 -9.18
N GLY B 19 2.83 17.44 -10.40
CA GLY B 19 2.61 16.65 -11.59
C GLY B 19 3.36 15.33 -11.66
N LEU B 20 4.28 15.05 -10.72
CA LEU B 20 4.94 13.76 -10.68
C LEU B 20 4.39 12.82 -9.61
N ALA B 21 3.50 13.31 -8.76
CA ALA B 21 2.95 12.47 -7.71
C ALA B 21 1.83 11.60 -8.28
N LEU B 22 1.87 10.31 -7.99
CA LEU B 22 0.82 9.44 -8.49
C LEU B 22 -0.35 9.39 -7.50
N ALA B 23 -1.40 8.68 -7.87
CA ALA B 23 -2.63 8.71 -7.11
C ALA B 23 -2.51 7.92 -5.81
N GLU B 24 -3.38 8.27 -4.86
CA GLU B 24 -3.60 7.55 -3.62
C GLU B 24 -5.08 7.17 -3.57
N TYR B 25 -5.39 6.01 -3.00
CA TYR B 25 -6.75 5.48 -3.03
C TYR B 25 -7.18 5.10 -1.61
N VAL B 26 -8.49 5.17 -1.36
CA VAL B 26 -9.04 4.85 -0.06
C VAL B 26 -10.21 3.90 -0.25
N ILE B 27 -10.24 2.82 0.53
CA ILE B 27 -11.40 1.96 0.62
C ILE B 27 -11.91 1.99 2.05
N TYR B 28 -13.17 1.64 2.22
CA TYR B 28 -13.80 1.72 3.53
C TYR B 28 -14.30 0.37 4.02
N ARG B 29 -13.87 -0.72 3.37
CA ARG B 29 -14.18 -2.08 3.79
C ARG B 29 -12.91 -2.90 3.67
N GLY B 30 -12.49 -3.52 4.78
CA GLY B 30 -11.28 -4.33 4.74
C GLY B 30 -11.32 -5.41 3.69
N GLU B 31 -12.51 -5.94 3.40
CA GLU B 31 -12.61 -7.02 2.43
C GLU B 31 -12.42 -6.57 0.98
N GLN B 32 -12.20 -5.28 0.72
CA GLN B 32 -11.90 -4.83 -0.65
C GLN B 32 -10.40 -4.75 -0.95
N ALA B 33 -9.53 -5.27 -0.09
CA ALA B 33 -8.13 -5.42 -0.43
C ALA B 33 -7.63 -6.79 0.05
N TYR B 34 -6.65 -7.33 -0.66
CA TYR B 34 -6.00 -8.58 -0.28
C TYR B 34 -4.50 -8.32 -0.26
N PRO B 35 -3.81 -8.59 0.83
CA PRO B 35 -2.37 -8.32 0.88
C PRO B 35 -1.54 -9.39 0.18
N GLU B 36 -1.36 -9.26 -1.14
CA GLU B 36 -0.85 -10.35 -1.95
C GLU B 36 0.66 -10.59 -1.83
N TYR B 37 1.47 -9.53 -1.77
CA TYR B 37 2.92 -9.67 -1.68
C TYR B 37 3.46 -8.94 -0.48
N LEU B 38 4.33 -9.60 0.28
CA LEU B 38 5.07 -9.02 1.39
C LEU B 38 6.51 -8.82 0.92
N ILE B 39 6.94 -7.56 0.87
CA ILE B 39 8.24 -7.18 0.32
C ILE B 39 9.13 -6.72 1.47
N THR B 40 10.30 -7.33 1.62
CA THR B 40 11.27 -6.94 2.62
C THR B 40 12.43 -6.27 1.91
N TYR B 41 12.82 -5.07 2.38
CA TYR B 41 13.72 -4.21 1.63
C TYR B 41 14.47 -3.27 2.58
N GLN B 42 15.52 -2.63 2.05
CA GLN B 42 16.15 -1.46 2.66
C GLN B 42 16.07 -0.30 1.68
N ILE B 43 15.99 0.94 2.19
CA ILE B 43 16.24 2.08 1.30
C ILE B 43 17.74 2.19 1.12
N MET B 44 18.17 2.70 -0.03
CA MET B 44 19.60 2.79 -0.32
C MET B 44 20.05 4.25 -0.27
N ARG B 45 21.15 4.48 0.43
CA ARG B 45 21.73 5.83 0.47
C ARG B 45 22.21 6.23 -0.92
N PRO B 46 21.79 7.37 -1.45
CA PRO B 46 22.27 7.80 -2.77
C PRO B 46 23.79 7.88 -2.81
N GLU B 47 24.35 7.54 -3.97
CA GLU B 47 25.80 7.59 -4.16
C GLU B 47 26.17 8.89 -4.86
ZN ZN C . 17.76 1.35 12.07
C11 9GX D . -1.09 4.04 10.91
C12 9GX D . -2.20 4.19 11.78
C14 9GX D . -4.63 3.76 11.88
C15 9GX D . -2.03 4.26 13.18
C01 9GX D . -0.04 5.49 1.15
C02 9GX D . -0.36 5.19 2.58
C03 9GX D . 0.04 3.94 3.16
C06 9GX D . -0.97 4.58 5.25
C08 9GX D . -1.99 5.15 7.45
C09 9GX D . -1.39 5.28 8.81
C16 9GX D . -0.76 4.20 13.75
C17 9GX D . 0.35 4.06 12.92
C18 9GX D . 0.17 4.00 11.53
C19 9GX D . -0.49 3.06 8.72
C20 9GX D . -0.91 2.98 7.24
C22 9GX D . -1.04 6.04 3.41
C23 9GX D . -1.49 7.40 2.88
C24 9GX D . -1.03 7.80 1.46
C25 9GX D . -0.92 6.60 0.53
N05 9GX D . -0.26 3.62 4.50
N07 9GX D . -1.25 4.26 6.55
N10 9GX D . -1.33 3.99 9.51
N21 9GX D . -1.35 5.75 4.73
O04 9GX D . 0.66 3.02 2.57
O13 9GX D . -3.46 4.24 11.19
S SO4 E . 4.38 14.27 -0.77
O1 SO4 E . 5.48 14.68 -1.64
O2 SO4 E . 3.20 13.98 -1.58
O3 SO4 E . 4.73 13.06 -0.03
O4 SO4 E . 4.07 15.34 0.15
S SO4 F . 21.71 6.17 -6.42
O1 SO4 F . 21.45 5.75 -7.80
O2 SO4 F . 23.15 6.27 -6.16
O3 SO4 F . 21.13 7.48 -6.18
O4 SO4 F . 21.15 5.17 -5.51
C1 GOL G . -3.20 11.07 3.88
O1 GOL G . -4.51 11.47 3.67
C2 GOL G . -2.54 11.01 2.50
O2 GOL G . -3.45 11.33 1.50
C3 GOL G . -1.34 12.00 2.59
O3 GOL G . -1.25 12.68 1.37
C1 GOL H . -3.86 -18.16 -1.88
O1 GOL H . -4.98 -18.78 -1.31
C2 GOL H . -4.38 -16.97 -2.71
O2 GOL H . -4.89 -16.00 -1.91
C3 GOL H . -3.18 -16.47 -3.52
O3 GOL H . -3.67 -15.43 -4.29
S SO4 I . -18.57 1.75 1.53
O1 SO4 I . -19.85 1.21 1.05
O2 SO4 I . -17.67 1.94 0.40
O3 SO4 I . -18.00 0.82 2.49
O4 SO4 I . -18.81 3.02 2.20
#